data_7DOB
#
_entry.id   7DOB
#
_cell.length_a   102.577
_cell.length_b   102.577
_cell.length_c   160.328
_cell.angle_alpha   90.000
_cell.angle_beta   90.000
_cell.angle_gamma   120.000
#
_symmetry.space_group_name_H-M   'H 3 2'
#
loop_
_entity.id
_entity.type
_entity.pdbx_description
1 polymer 'Catabolite repressor/activator'
2 non-polymer 1,2-ETHANEDIOL
3 non-polymer 'PHOSPHATE ION'
4 non-polymer 'MAGNESIUM ION'
5 water water
#
_entity_poly.entity_id   1
_entity_poly.type   'polypeptide(L)'
_entity_poly.pdbx_seq_one_letter_code
;HHHHHHDYDIPTTENLYFQGAMAMKLDEIARLAGVSRTTASYVINGKAKQYRVSDKTVEKVMAVVREHNYHPNAVAAGLR
AGRTRSIGLVIPDLENTSYTRIANYLERQARQRGYQLLIACSEDQPDNEMRCIEHLLQRQVDAIIVSTSLPPEHPFYQRW
ANDPFPIVALDRALDREHFTSVVGADQDDAEMLAEELRKFPAETVLYLGALPELSVSFLREQGFRTAWKDDPREVHFLYA
NSYEREAAAQLFEKWLETHPMPQALFTTSFALLQGVMDVTLRRDGKLPSDLAIATFGDNELLDFLQCPVLAVAQRHRDVA
ERVLEIVLASLDEPRKPKPGLTRIKRNLYRRGVLSRS
;
_entity_poly.pdbx_strand_id   A
#
loop_
_chem_comp.id
_chem_comp.type
_chem_comp.name
_chem_comp.formula
EDO non-polymer 1,2-ETHANEDIOL 'C2 H6 O2'
MG non-polymer 'MAGNESIUM ION' 'Mg 2'
PO4 non-polymer 'PHOSPHATE ION' 'O4 P -3'
#
# COMPACT_ATOMS: atom_id res chain seq x y z
N ARG A 80 -11.53 -24.48 26.36
CA ARG A 80 -12.87 -24.58 26.94
C ARG A 80 -13.39 -23.22 27.45
N ALA A 81 -13.79 -22.37 26.50
CA ALA A 81 -14.28 -21.02 26.75
C ALA A 81 -13.17 -20.08 27.23
N GLY A 82 -11.91 -20.47 27.07
CA GLY A 82 -10.77 -19.66 27.41
C GLY A 82 -10.16 -19.01 26.19
N ARG A 83 -8.89 -18.65 26.31
CA ARG A 83 -8.14 -17.97 25.26
C ARG A 83 -6.73 -18.54 25.18
N THR A 84 -6.14 -18.48 24.00
CA THR A 84 -4.74 -18.83 23.81
C THR A 84 -3.82 -17.63 23.94
N ARG A 85 -4.37 -16.42 24.04
CA ARG A 85 -3.60 -15.18 23.99
C ARG A 85 -2.68 -15.17 22.79
N SER A 86 -3.25 -15.52 21.64
CA SER A 86 -2.53 -15.55 20.38
C SER A 86 -3.39 -14.92 19.30
N ILE A 87 -2.73 -14.29 18.33
CA ILE A 87 -3.40 -13.58 17.25
C ILE A 87 -2.85 -14.09 15.92
N GLY A 88 -3.75 -14.46 15.02
CA GLY A 88 -3.34 -14.83 13.68
C GLY A 88 -3.13 -13.61 12.80
N LEU A 89 -2.13 -13.70 11.92
CA LEU A 89 -1.86 -12.65 10.95
C LEU A 89 -1.63 -13.30 9.60
N VAL A 90 -2.60 -13.16 8.71
CA VAL A 90 -2.53 -13.72 7.35
C VAL A 90 -2.14 -12.58 6.41
N ILE A 91 -0.94 -12.67 5.84
CA ILE A 91 -0.45 -11.68 4.89
C ILE A 91 0.10 -12.44 3.69
N PRO A 92 0.37 -11.78 2.56
CA PRO A 92 0.94 -12.52 1.41
C PRO A 92 2.26 -13.18 1.72
N ASP A 93 3.20 -12.44 2.31
CA ASP A 93 4.53 -12.99 2.57
C ASP A 93 5.24 -12.09 3.59
N LEU A 94 6.38 -12.60 4.09
CA LEU A 94 7.30 -11.81 4.89
C LEU A 94 8.46 -11.27 4.03
N GLU A 95 8.18 -10.90 2.79
CA GLU A 95 9.17 -10.33 1.87
C GLU A 95 8.90 -8.88 1.55
N ASN A 96 7.66 -8.55 1.22
CA ASN A 96 7.30 -7.20 0.82
C ASN A 96 7.72 -6.23 1.91
N THR A 97 8.42 -5.19 1.51
CA THR A 97 8.96 -4.21 2.45
C THR A 97 7.88 -3.69 3.39
N SER A 98 6.67 -3.49 2.89
CA SER A 98 5.64 -2.84 3.69
C SER A 98 4.98 -3.79 4.68
N TYR A 99 4.74 -5.04 4.27
CA TYR A 99 4.05 -5.97 5.15
C TYR A 99 4.95 -6.41 6.30
N THR A 100 6.24 -6.58 6.05
CA THR A 100 7.16 -7.02 7.11
C THR A 100 7.32 -5.95 8.17
N ARG A 101 7.42 -4.68 7.75
CA ARG A 101 7.52 -3.58 8.70
C ARG A 101 6.33 -3.56 9.65
N ILE A 102 5.13 -3.73 9.11
CA ILE A 102 3.93 -3.74 9.95
C ILE A 102 3.92 -4.98 10.84
N ALA A 103 4.28 -6.14 10.28
CA ALA A 103 4.39 -7.35 11.09
C ALA A 103 5.44 -7.18 12.19
N ASN A 104 6.52 -6.48 11.88
CA ASN A 104 7.58 -6.27 12.87
C ASN A 104 7.06 -5.49 14.07
N TYR A 105 6.34 -4.40 13.82
CA TYR A 105 5.78 -3.62 14.93
C TYR A 105 4.62 -4.35 15.58
N LEU A 106 3.84 -5.08 14.78
CA LEU A 106 2.72 -5.85 15.31
C LEU A 106 3.21 -6.92 16.29
N GLU A 107 4.29 -7.62 15.94
CA GLU A 107 4.89 -8.60 16.83
C GLU A 107 5.39 -7.95 18.11
N ARG A 108 6.11 -6.83 17.96
CA ARG A 108 6.69 -6.16 19.12
C ARG A 108 5.60 -5.69 20.08
N GLN A 109 4.57 -5.04 19.55
CA GLN A 109 3.51 -4.50 20.41
C GLN A 109 2.64 -5.60 21.00
N ALA A 110 2.50 -6.73 20.30
CA ALA A 110 1.68 -7.81 20.82
C ALA A 110 2.39 -8.59 21.91
N ARG A 111 3.69 -8.84 21.75
CA ARG A 111 4.44 -9.55 22.79
C ARG A 111 4.52 -8.72 24.06
N GLN A 112 4.63 -7.40 23.93
CA GLN A 112 4.57 -6.53 25.10
C GLN A 112 3.24 -6.66 25.83
N ARG A 113 2.16 -6.94 25.10
CA ARG A 113 0.84 -7.10 25.68
C ARG A 113 0.53 -8.53 26.08
N GLY A 114 1.47 -9.46 25.86
CA GLY A 114 1.28 -10.84 26.26
C GLY A 114 0.62 -11.71 25.21
N TYR A 115 0.61 -11.30 23.95
CA TYR A 115 0.01 -12.07 22.87
C TYR A 115 1.09 -12.63 21.95
N GLN A 116 0.87 -13.86 21.50
CA GLN A 116 1.74 -14.48 20.50
C GLN A 116 1.13 -14.28 19.12
N LEU A 117 1.94 -13.76 18.20
CA LEU A 117 1.50 -13.64 16.81
C LEU A 117 1.72 -14.98 16.09
N LEU A 118 0.71 -15.39 15.32
CA LEU A 118 0.78 -16.61 14.52
C LEU A 118 0.70 -16.18 13.06
N ILE A 119 1.86 -15.98 12.43
CA ILE A 119 1.91 -15.46 11.07
C ILE A 119 1.67 -16.60 10.10
N ALA A 120 0.75 -16.37 9.15
CA ALA A 120 0.46 -17.34 8.09
C ALA A 120 0.51 -16.61 6.76
N CYS A 121 1.36 -17.08 5.86
CA CYS A 121 1.60 -16.40 4.59
C CYS A 121 0.81 -17.08 3.47
N SER A 122 -0.01 -16.30 2.77
CA SER A 122 -0.93 -16.80 1.77
C SER A 122 -0.36 -16.77 0.35
N GLU A 123 0.77 -16.10 0.14
CA GLU A 123 1.32 -15.86 -1.21
C GLU A 123 0.30 -15.18 -2.12
N ASP A 124 -0.64 -14.45 -1.52
CA ASP A 124 -1.69 -13.70 -2.22
C ASP A 124 -2.61 -14.59 -3.03
N GLN A 125 -2.70 -15.89 -2.70
CA GLN A 125 -3.58 -16.81 -3.40
C GLN A 125 -4.82 -17.10 -2.58
N PRO A 126 -6.01 -17.00 -3.18
CA PRO A 126 -7.25 -17.22 -2.42
C PRO A 126 -7.35 -18.57 -1.74
N ASP A 127 -7.03 -19.65 -2.46
CA ASP A 127 -7.12 -20.99 -1.88
C ASP A 127 -6.15 -21.14 -0.71
N ASN A 128 -4.95 -20.57 -0.84
CA ASN A 128 -3.98 -20.64 0.25
C ASN A 128 -4.45 -19.82 1.45
N GLU A 129 -5.01 -18.64 1.20
CA GLU A 129 -5.48 -17.79 2.29
C GLU A 129 -6.58 -18.48 3.10
N MET A 130 -7.54 -19.10 2.42
CA MET A 130 -8.63 -19.78 3.12
C MET A 130 -8.12 -20.97 3.93
N ARG A 131 -7.07 -21.64 3.46
CA ARG A 131 -6.47 -22.71 4.25
C ARG A 131 -5.70 -22.14 5.44
N CYS A 132 -5.00 -21.03 5.24
CA CYS A 132 -4.32 -20.37 6.36
C CYS A 132 -5.31 -19.96 7.44
N ILE A 133 -6.50 -19.51 7.04
CA ILE A 133 -7.52 -19.11 8.00
C ILE A 133 -8.00 -20.31 8.79
N GLU A 134 -8.22 -21.44 8.12
CA GLU A 134 -8.72 -22.62 8.82
C GLU A 134 -7.66 -23.24 9.71
N HIS A 135 -6.40 -23.21 9.28
N HIS A 135 -6.39 -23.16 9.32
CA HIS A 135 -5.30 -23.65 10.13
CA HIS A 135 -5.35 -23.71 10.19
C HIS A 135 -5.27 -22.87 11.43
C HIS A 135 -5.19 -22.87 11.45
N LEU A 136 -5.26 -21.54 11.33
CA LEU A 136 -5.21 -20.68 12.50
C LEU A 136 -6.41 -20.93 13.42
N LEU A 137 -7.59 -21.12 12.83
CA LEU A 137 -8.77 -21.47 13.62
C LEU A 137 -8.56 -22.79 14.34
N GLN A 138 -7.95 -23.77 13.67
CA GLN A 138 -7.66 -25.05 14.32
C GLN A 138 -6.73 -24.87 15.52
N ARG A 139 -5.81 -23.91 15.46
CA ARG A 139 -4.93 -23.63 16.57
C ARG A 139 -5.56 -22.66 17.57
N GLN A 140 -6.82 -22.28 17.36
CA GLN A 140 -7.62 -21.55 18.32
C GLN A 140 -7.00 -20.19 18.66
N VAL A 141 -6.63 -19.43 17.62
CA VAL A 141 -6.24 -18.04 17.84
C VAL A 141 -7.46 -17.28 18.36
N ASP A 142 -7.20 -16.23 19.14
CA ASP A 142 -8.30 -15.43 19.66
C ASP A 142 -8.89 -14.53 18.58
N ALA A 143 -8.06 -14.08 17.64
CA ALA A 143 -8.50 -13.24 16.54
C ALA A 143 -7.58 -13.46 15.36
N ILE A 144 -7.98 -12.93 14.21
CA ILE A 144 -7.19 -13.04 12.99
C ILE A 144 -7.10 -11.65 12.35
N ILE A 145 -5.88 -11.22 12.07
CA ILE A 145 -5.63 -10.05 11.21
C ILE A 145 -5.28 -10.58 9.82
N VAL A 146 -6.00 -10.12 8.81
CA VAL A 146 -5.84 -10.64 7.46
C VAL A 146 -5.72 -9.49 6.46
N SER A 147 -4.79 -9.63 5.52
CA SER A 147 -4.72 -8.79 4.33
C SER A 147 -5.23 -9.69 3.20
N THR A 148 -6.53 -9.60 2.92
CA THR A 148 -7.20 -10.60 2.11
C THR A 148 -6.94 -10.41 0.62
N SER A 149 -6.82 -11.52 -0.09
CA SER A 149 -6.72 -11.51 -1.55
C SER A 149 -8.07 -11.62 -2.23
N LEU A 150 -9.16 -11.76 -1.47
CA LEU A 150 -10.51 -11.90 -1.99
C LEU A 150 -11.17 -10.54 -2.17
N PRO A 151 -12.27 -10.49 -2.93
CA PRO A 151 -13.12 -9.30 -2.90
C PRO A 151 -13.71 -9.10 -1.53
N PRO A 152 -14.09 -7.86 -1.17
CA PRO A 152 -14.56 -7.61 0.20
C PRO A 152 -15.72 -8.49 0.62
N GLU A 153 -16.82 -8.48 -0.14
CA GLU A 153 -17.96 -9.33 0.17
C GLU A 153 -17.95 -10.64 -0.63
N HIS A 154 -16.76 -11.17 -0.88
CA HIS A 154 -16.62 -12.58 -1.18
C HIS A 154 -17.18 -13.37 -0.01
N PRO A 155 -18.01 -14.39 -0.25
CA PRO A 155 -18.80 -14.97 0.86
C PRO A 155 -18.00 -15.81 1.84
N PHE A 156 -16.69 -15.95 1.69
CA PHE A 156 -15.92 -16.75 2.64
C PHE A 156 -15.95 -16.12 4.03
N TYR A 157 -15.67 -14.82 4.11
CA TYR A 157 -15.57 -14.14 5.40
C TYR A 157 -16.93 -13.79 5.98
N GLN A 158 -18.00 -13.85 5.19
CA GLN A 158 -19.35 -13.65 5.72
C GLN A 158 -19.73 -14.71 6.73
N ARG A 159 -18.97 -15.81 6.82
CA ARG A 159 -19.20 -16.82 7.84
C ARG A 159 -19.08 -16.25 9.24
N TRP A 160 -18.30 -15.17 9.41
CA TRP A 160 -18.11 -14.52 10.69
C TRP A 160 -18.77 -13.14 10.73
N ALA A 161 -19.76 -12.90 9.86
CA ALA A 161 -20.32 -11.57 9.72
C ALA A 161 -20.98 -11.09 11.00
N ASN A 162 -21.72 -11.97 11.68
CA ASN A 162 -22.33 -11.68 12.96
C ASN A 162 -21.82 -12.73 13.95
N ASP A 163 -20.60 -12.53 14.43
CA ASP A 163 -19.88 -13.51 15.20
C ASP A 163 -18.93 -12.79 16.16
N PRO A 164 -18.90 -13.17 17.44
CA PRO A 164 -17.96 -12.54 18.37
C PRO A 164 -16.50 -12.66 17.95
N PHE A 165 -16.14 -13.71 17.22
CA PHE A 165 -14.76 -13.92 16.81
C PHE A 165 -14.26 -12.73 15.99
N PRO A 166 -13.19 -12.05 16.43
CA PRO A 166 -12.75 -10.84 15.73
C PRO A 166 -11.88 -11.18 14.53
N ILE A 167 -12.27 -10.65 13.37
CA ILE A 167 -11.44 -10.67 12.16
C ILE A 167 -11.26 -9.23 11.72
N VAL A 168 -10.02 -8.76 11.73
CA VAL A 168 -9.69 -7.37 11.43
C VAL A 168 -8.87 -7.34 10.15
N ALA A 169 -9.34 -6.58 9.17
CA ALA A 169 -8.66 -6.49 7.88
C ALA A 169 -7.57 -5.44 7.92
N LEU A 170 -6.48 -5.72 7.20
CA LEU A 170 -5.35 -4.82 7.08
C LEU A 170 -5.06 -4.57 5.61
N ASP A 171 -4.84 -3.30 5.25
CA ASP A 171 -4.47 -2.88 3.91
C ASP A 171 -5.63 -3.00 2.93
N ARG A 172 -6.10 -4.22 2.71
CA ARG A 172 -7.24 -4.50 1.85
C ARG A 172 -8.46 -4.79 2.69
N ALA A 173 -9.58 -4.19 2.31
CA ALA A 173 -10.74 -4.07 3.19
C ALA A 173 -11.66 -5.27 3.10
N LEU A 174 -12.27 -5.59 4.24
CA LEU A 174 -13.39 -6.51 4.30
C LEU A 174 -14.69 -5.72 4.35
N ASP A 175 -15.81 -6.43 4.23
CA ASP A 175 -17.15 -5.84 4.17
C ASP A 175 -17.33 -4.75 5.21
N ARG A 176 -17.52 -3.50 4.76
CA ARG A 176 -17.69 -2.37 5.67
C ARG A 176 -18.82 -2.57 6.67
N GLU A 177 -19.76 -3.49 6.39
CA GLU A 177 -20.93 -3.66 7.25
C GLU A 177 -20.61 -4.49 8.49
N HIS A 178 -19.64 -5.40 8.41
CA HIS A 178 -19.43 -6.38 9.46
C HIS A 178 -18.01 -6.45 9.99
N PHE A 179 -17.04 -5.77 9.36
CA PHE A 179 -15.64 -5.90 9.75
C PHE A 179 -15.00 -4.52 9.82
N THR A 180 -14.08 -4.35 10.77
CA THR A 180 -13.23 -3.17 10.82
C THR A 180 -12.00 -3.41 9.96
N SER A 181 -11.67 -2.43 9.14
CA SER A 181 -10.52 -2.52 8.24
C SER A 181 -9.64 -1.29 8.44
N VAL A 182 -8.36 -1.52 8.69
CA VAL A 182 -7.37 -0.44 8.72
C VAL A 182 -6.73 -0.40 7.34
N VAL A 183 -6.99 0.66 6.59
CA VAL A 183 -6.65 0.75 5.18
C VAL A 183 -5.93 2.08 4.93
N GLY A 184 -5.45 2.23 3.70
CA GLY A 184 -4.77 3.45 3.30
C GLY A 184 -5.73 4.54 2.89
N ALA A 185 -5.16 5.69 2.57
CA ALA A 185 -5.89 6.84 2.05
C ALA A 185 -5.30 7.23 0.69
N ASP A 186 -5.42 6.33 -0.27
CA ASP A 186 -4.69 6.45 -1.53
C ASP A 186 -5.08 7.73 -2.28
N GLN A 187 -6.36 8.11 -2.23
CA GLN A 187 -6.78 9.32 -2.92
C GLN A 187 -6.22 10.57 -2.25
N ASP A 188 -6.31 10.63 -0.92
CA ASP A 188 -5.72 11.76 -0.20
C ASP A 188 -4.20 11.77 -0.33
N ASP A 189 -3.59 10.59 -0.22
CA ASP A 189 -2.14 10.49 -0.35
C ASP A 189 -1.69 10.98 -1.72
N ALA A 190 -2.41 10.61 -2.78
CA ALA A 190 -2.02 11.01 -4.13
C ALA A 190 -2.22 12.50 -4.37
N GLU A 191 -3.33 13.06 -3.86
CA GLU A 191 -3.51 14.50 -3.95
C GLU A 191 -2.42 15.24 -3.20
N MET A 192 -2.04 14.74 -2.03
CA MET A 192 -0.94 15.34 -1.28
C MET A 192 0.36 15.23 -2.04
N LEU A 193 0.63 14.05 -2.61
CA LEU A 193 1.88 13.85 -3.34
C LEU A 193 1.87 14.57 -4.69
N ALA A 194 0.72 14.64 -5.35
CA ALA A 194 0.65 15.34 -6.63
C ALA A 194 0.78 16.84 -6.47
N GLU A 195 0.13 17.40 -5.45
CA GLU A 195 0.19 18.84 -5.21
C GLU A 195 1.63 19.30 -5.05
N GLU A 196 2.41 18.58 -4.25
CA GLU A 196 3.81 18.94 -4.05
C GLU A 196 4.63 18.77 -5.33
N LEU A 197 4.21 17.86 -6.22
CA LEU A 197 4.86 17.77 -7.52
C LEU A 197 4.47 18.95 -8.42
N ARG A 198 3.24 19.45 -8.27
CA ARG A 198 2.81 20.60 -9.05
C ARG A 198 3.63 21.85 -8.73
N LYS A 199 4.32 21.87 -7.59
CA LYS A 199 5.13 23.03 -7.24
C LYS A 199 6.31 23.21 -8.19
N PHE A 200 6.75 22.13 -8.84
CA PHE A 200 7.79 22.25 -9.85
C PHE A 200 7.17 22.69 -11.17
N PRO A 201 7.74 23.69 -11.83
CA PRO A 201 7.07 24.28 -13.00
C PRO A 201 7.40 23.60 -14.32
N ALA A 202 7.75 22.31 -14.26
CA ALA A 202 8.12 21.54 -15.44
C ALA A 202 7.06 21.55 -16.54
N GLU A 203 7.49 21.37 -17.79
CA GLU A 203 6.60 21.45 -18.94
C GLU A 203 5.96 20.10 -19.28
N THR A 204 6.77 19.05 -19.39
CA THR A 204 6.24 17.73 -19.67
C THR A 204 6.00 17.00 -18.34
N VAL A 205 4.78 16.49 -18.18
CA VAL A 205 4.40 15.74 -16.98
C VAL A 205 3.87 14.38 -17.41
N LEU A 206 4.38 13.32 -16.81
CA LEU A 206 3.97 11.96 -17.10
C LEU A 206 3.41 11.31 -15.84
N TYR A 207 2.31 10.59 -16.00
CA TYR A 207 1.68 9.83 -14.93
C TYR A 207 1.76 8.37 -15.33
N LEU A 208 2.71 7.65 -14.74
CA LEU A 208 2.91 6.23 -15.03
C LEU A 208 2.26 5.41 -13.94
N GLY A 209 1.18 4.71 -14.29
CA GLY A 209 0.50 3.84 -13.35
C GLY A 209 0.38 2.42 -13.85
N ALA A 210 -0.48 1.62 -13.23
CA ALA A 210 -0.67 0.24 -13.64
C ALA A 210 -2.07 -0.20 -13.24
N LEU A 211 -2.66 -1.06 -14.09
CA LEU A 211 -3.94 -1.70 -13.81
C LEU A 211 -5.03 -0.68 -13.53
N PRO A 212 -5.46 0.09 -14.54
CA PRO A 212 -6.38 1.21 -14.26
C PRO A 212 -7.73 0.78 -13.73
N GLU A 213 -8.15 -0.45 -13.99
CA GLU A 213 -9.47 -0.92 -13.58
C GLU A 213 -9.56 -1.23 -12.08
N LEU A 214 -8.44 -1.21 -11.36
CA LEU A 214 -8.46 -1.46 -9.93
C LEU A 214 -8.89 -0.22 -9.19
N SER A 215 -9.66 -0.41 -8.10
CA SER A 215 -10.14 0.73 -7.33
C SER A 215 -9.00 1.54 -6.76
N VAL A 216 -7.92 0.88 -6.34
CA VAL A 216 -6.76 1.59 -5.82
C VAL A 216 -6.13 2.46 -6.90
N SER A 217 -5.99 1.92 -8.11
CA SER A 217 -5.43 2.71 -9.22
C SER A 217 -6.31 3.92 -9.52
N PHE A 218 -7.63 3.74 -9.50
CA PHE A 218 -8.54 4.84 -9.79
C PHE A 218 -8.44 5.93 -8.73
N LEU A 219 -8.45 5.53 -7.46
CA LEU A 219 -8.38 6.51 -6.37
C LEU A 219 -7.10 7.35 -6.47
N ARG A 220 -5.97 6.71 -6.75
CA ARG A 220 -4.72 7.45 -6.87
C ARG A 220 -4.74 8.39 -8.08
N GLU A 221 -5.38 7.96 -9.17
CA GLU A 221 -5.54 8.85 -10.31
C GLU A 221 -6.49 9.99 -9.99
N GLN A 222 -7.61 9.70 -9.31
CA GLN A 222 -8.53 10.75 -8.92
C GLN A 222 -7.86 11.77 -8.00
N GLY A 223 -7.03 11.29 -7.07
CA GLY A 223 -6.31 12.20 -6.20
C GLY A 223 -5.32 13.06 -6.97
N PHE A 224 -4.62 12.48 -7.94
CA PHE A 224 -3.69 13.25 -8.75
C PHE A 224 -4.43 14.33 -9.54
N ARG A 225 -5.51 13.93 -10.23
CA ARG A 225 -6.24 14.90 -11.06
C ARG A 225 -6.86 16.01 -10.22
N THR A 226 -7.20 15.71 -8.96
CA THR A 226 -7.76 16.75 -8.09
C THR A 226 -6.74 17.85 -7.83
N ALA A 227 -5.48 17.47 -7.63
CA ALA A 227 -4.42 18.44 -7.41
C ALA A 227 -4.04 19.22 -8.67
N TRP A 228 -4.47 18.76 -9.85
CA TRP A 228 -4.07 19.38 -11.13
C TRP A 228 -5.27 19.85 -11.94
N LYS A 229 -6.46 19.94 -11.34
CA LYS A 229 -7.66 20.25 -12.10
C LYS A 229 -7.58 21.61 -12.80
N ASP A 230 -6.87 22.57 -12.20
CA ASP A 230 -6.77 23.91 -12.75
C ASP A 230 -5.37 24.23 -13.25
N ASP A 231 -4.47 23.26 -13.26
CA ASP A 231 -3.12 23.49 -13.79
C ASP A 231 -3.16 23.45 -15.32
N PRO A 232 -2.51 24.40 -16.00
CA PRO A 232 -2.67 24.49 -17.46
C PRO A 232 -1.89 23.43 -18.23
N ARG A 233 -1.04 22.64 -17.59
CA ARG A 233 -0.21 21.70 -18.32
C ARG A 233 -0.94 20.41 -18.65
N GLU A 234 -0.68 19.91 -19.84
CA GLU A 234 -1.16 18.60 -20.26
C GLU A 234 -0.39 17.52 -19.50
N VAL A 235 -1.12 16.56 -18.94
CA VAL A 235 -0.54 15.44 -18.23
C VAL A 235 -0.77 14.19 -19.06
N HIS A 236 0.32 13.52 -19.43
CA HIS A 236 0.23 12.26 -20.15
C HIS A 236 -0.02 11.13 -19.17
N PHE A 237 -0.98 10.26 -19.49
CA PHE A 237 -1.36 9.15 -18.63
C PHE A 237 -0.96 7.85 -19.30
N LEU A 238 -0.06 7.11 -18.67
CA LEU A 238 0.53 5.90 -19.23
C LEU A 238 0.37 4.78 -18.23
N TYR A 239 -0.41 3.76 -18.58
CA TYR A 239 -0.74 2.66 -17.69
C TYR A 239 -0.04 1.39 -18.16
N ALA A 240 0.83 0.85 -17.31
CA ALA A 240 1.33 -0.50 -17.49
C ALA A 240 0.24 -1.52 -17.18
N ASN A 241 0.46 -2.75 -17.62
CA ASN A 241 -0.48 -3.84 -17.43
C ASN A 241 -0.15 -4.71 -16.21
N SER A 242 0.79 -4.28 -15.36
CA SER A 242 1.16 -4.95 -14.12
C SER A 242 2.09 -4.05 -13.33
N TYR A 243 1.98 -4.13 -12.00
CA TYR A 243 2.80 -3.32 -11.10
C TYR A 243 4.20 -3.93 -11.03
N GLU A 244 4.98 -3.70 -12.08
CA GLU A 244 6.23 -4.43 -12.21
C GLU A 244 7.34 -3.54 -12.75
N ARG A 245 8.55 -4.04 -12.55
CA ARG A 245 9.79 -3.36 -12.90
C ARG A 245 10.04 -3.41 -14.41
N GLU A 246 10.16 -4.62 -14.97
CA GLU A 246 10.44 -4.74 -16.39
C GLU A 246 9.23 -4.34 -17.24
N ALA A 247 8.01 -4.56 -16.73
CA ALA A 247 6.81 -4.17 -17.47
C ALA A 247 6.81 -2.67 -17.75
N ALA A 248 7.09 -1.86 -16.74
CA ALA A 248 7.16 -0.42 -16.94
C ALA A 248 8.34 -0.05 -17.85
N ALA A 249 9.43 -0.82 -17.77
CA ALA A 249 10.62 -0.49 -18.53
C ALA A 249 10.34 -0.50 -20.03
N GLN A 250 9.76 -1.59 -20.54
CA GLN A 250 9.46 -1.62 -21.96
C GLN A 250 8.29 -0.72 -22.34
N LEU A 251 7.33 -0.52 -21.44
CA LEU A 251 6.28 0.45 -21.74
C LEU A 251 6.85 1.85 -21.84
N PHE A 252 7.75 2.22 -20.93
CA PHE A 252 8.31 3.57 -20.93
C PHE A 252 9.21 3.81 -22.14
N GLU A 253 9.82 2.76 -22.69
CA GLU A 253 10.72 2.95 -23.83
C GLU A 253 9.94 3.22 -25.12
N LYS A 254 8.91 2.40 -25.40
CA LYS A 254 8.06 2.65 -26.56
C LYS A 254 7.38 4.00 -26.48
N TRP A 255 7.02 4.42 -25.26
CA TRP A 255 6.43 5.73 -25.06
C TRP A 255 7.43 6.84 -25.39
N LEU A 256 8.73 6.57 -25.25
CA LEU A 256 9.72 7.58 -25.58
C LEU A 256 10.05 7.63 -27.06
N GLU A 257 9.78 6.55 -27.80
CA GLU A 257 9.86 6.62 -29.26
C GLU A 257 8.89 7.66 -29.81
N THR A 258 7.87 8.02 -29.04
CA THR A 258 6.80 8.91 -29.49
C THR A 258 6.76 10.26 -28.78
N HIS A 259 7.35 10.36 -27.59
CA HIS A 259 7.32 11.60 -26.81
C HIS A 259 8.70 11.93 -26.27
N PRO A 260 8.94 13.16 -25.82
CA PRO A 260 10.20 13.45 -25.14
C PRO A 260 10.17 13.01 -23.68
N MET A 261 11.37 12.85 -23.12
CA MET A 261 11.49 12.47 -21.72
C MET A 261 10.85 13.51 -20.81
N PRO A 262 10.04 13.09 -19.83
CA PRO A 262 9.33 14.07 -19.00
C PRO A 262 10.27 14.86 -18.12
N GLN A 263 9.85 16.07 -17.79
CA GLN A 263 10.51 16.88 -16.78
C GLN A 263 9.87 16.72 -15.40
N ALA A 264 8.67 16.15 -15.35
CA ALA A 264 8.00 15.78 -14.11
C ALA A 264 7.45 14.37 -14.25
N LEU A 265 7.72 13.52 -13.27
CA LEU A 265 7.31 12.13 -13.32
C LEU A 265 6.50 11.79 -12.08
N PHE A 266 5.49 10.93 -12.26
CA PHE A 266 4.60 10.53 -11.17
C PHE A 266 4.33 9.04 -11.32
N THR A 267 4.82 8.26 -10.37
CA THR A 267 4.64 6.81 -10.37
C THR A 267 3.76 6.40 -9.20
N THR A 268 2.78 5.54 -9.47
CA THR A 268 1.92 5.02 -8.40
C THR A 268 2.54 3.83 -7.69
N SER A 269 3.70 3.34 -8.13
CA SER A 269 4.39 2.27 -7.44
C SER A 269 5.89 2.46 -7.64
N PHE A 270 6.64 2.20 -6.58
CA PHE A 270 8.09 2.37 -6.65
C PHE A 270 8.73 1.34 -7.57
N ALA A 271 8.08 0.20 -7.77
CA ALA A 271 8.54 -0.76 -8.78
C ALA A 271 8.41 -0.17 -10.18
N LEU A 272 7.35 0.60 -10.44
CA LEU A 272 7.21 1.24 -11.74
C LEU A 272 8.30 2.27 -11.97
N LEU A 273 8.79 2.90 -10.90
CA LEU A 273 9.89 3.84 -11.04
C LEU A 273 11.21 3.14 -11.35
N GLN A 274 11.43 1.94 -10.80
CA GLN A 274 12.60 1.16 -11.21
C GLN A 274 12.57 0.91 -12.71
N GLY A 275 11.39 0.67 -13.27
CA GLY A 275 11.31 0.35 -14.68
C GLY A 275 11.82 1.45 -15.57
N VAL A 276 11.47 2.70 -15.25
CA VAL A 276 11.93 3.82 -16.07
C VAL A 276 13.41 4.05 -15.86
N MET A 277 13.96 3.63 -14.71
CA MET A 277 15.38 3.79 -14.47
C MET A 277 16.19 2.95 -15.45
N ASP A 278 15.85 1.67 -15.55
CA ASP A 278 16.50 0.78 -16.51
C ASP A 278 16.34 1.25 -17.94
N VAL A 279 15.44 2.19 -18.21
CA VAL A 279 15.42 2.88 -19.49
C VAL A 279 16.29 4.12 -19.46
N THR A 280 16.13 4.94 -18.43
CA THR A 280 16.89 6.18 -18.32
C THR A 280 18.38 5.90 -18.14
N LEU A 281 18.74 4.74 -17.57
CA LEU A 281 20.12 4.25 -17.64
C LEU A 281 20.51 3.77 -19.03
N ARG A 282 19.69 2.92 -19.65
CA ARG A 282 20.06 2.39 -20.96
C ARG A 282 19.96 3.43 -22.07
N ARG A 283 19.33 4.57 -21.83
CA ARG A 283 19.27 5.59 -22.87
C ARG A 283 20.24 6.73 -22.59
N ASP A 284 19.94 7.57 -21.60
CA ASP A 284 20.81 8.69 -21.25
C ASP A 284 22.07 8.28 -20.51
N GLY A 285 22.33 6.98 -20.35
CA GLY A 285 23.51 6.53 -19.65
C GLY A 285 23.48 6.85 -18.17
N LYS A 286 23.38 8.13 -17.85
CA LYS A 286 23.28 8.62 -16.48
C LYS A 286 21.81 8.49 -16.05
N LEU A 287 21.43 9.15 -14.96
CA LEU A 287 20.07 9.61 -14.72
C LEU A 287 20.12 11.14 -14.67
N PRO A 288 19.42 11.86 -15.56
CA PRO A 288 19.55 13.32 -15.60
C PRO A 288 18.85 13.98 -14.42
N SER A 289 19.28 15.21 -14.17
CA SER A 289 18.65 16.07 -13.19
C SER A 289 17.57 16.90 -13.91
N ASP A 290 17.17 18.04 -13.33
CA ASP A 290 16.12 18.89 -13.89
C ASP A 290 14.86 18.08 -14.16
N LEU A 291 14.57 17.13 -13.26
CA LEU A 291 13.45 16.22 -13.41
C LEU A 291 12.89 15.93 -12.03
N ALA A 292 11.60 16.20 -11.84
CA ALA A 292 10.95 16.06 -10.55
C ALA A 292 10.18 14.75 -10.51
N ILE A 293 10.55 13.87 -9.59
CA ILE A 293 9.89 12.56 -9.44
C ILE A 293 9.03 12.59 -8.18
N ALA A 294 7.81 12.07 -8.30
CA ALA A 294 6.95 11.77 -7.18
C ALA A 294 6.52 10.31 -7.29
N THR A 295 6.57 9.59 -6.18
CA THR A 295 6.30 8.15 -6.24
C THR A 295 5.62 7.68 -4.97
N PHE A 296 4.83 6.61 -5.11
CA PHE A 296 4.36 5.84 -3.96
C PHE A 296 5.43 4.82 -3.57
N GLY A 297 5.38 4.38 -2.32
CA GLY A 297 6.47 3.62 -1.75
C GLY A 297 7.67 4.49 -1.44
N ASP A 298 8.75 3.85 -0.99
CA ASP A 298 9.93 4.60 -0.55
C ASP A 298 11.14 3.70 -0.40
N ASN A 299 12.32 4.18 -0.75
CA ASN A 299 13.56 3.50 -0.41
C ASN A 299 14.52 4.53 0.18
N GLU A 300 15.39 4.07 1.07
CA GLU A 300 16.51 4.89 1.51
C GLU A 300 17.55 5.03 0.42
N LEU A 301 17.45 4.22 -0.63
CA LEU A 301 18.29 4.34 -1.80
C LEU A 301 17.66 5.25 -2.86
N LEU A 302 16.57 5.94 -2.48
CA LEU A 302 16.05 7.10 -3.21
C LEU A 302 16.88 8.35 -2.92
N ASP A 303 17.71 8.30 -1.89
CA ASP A 303 18.59 9.39 -1.50
C ASP A 303 19.83 9.46 -2.37
N PHE A 304 20.10 8.42 -3.17
CA PHE A 304 21.18 8.41 -4.15
C PHE A 304 20.79 9.06 -5.47
N LEU A 305 19.71 9.85 -5.48
CA LEU A 305 19.21 10.50 -6.68
C LEU A 305 19.49 11.99 -6.59
N GLN A 306 20.16 12.53 -7.60
CA GLN A 306 20.56 13.93 -7.62
C GLN A 306 19.46 14.83 -8.14
N CYS A 307 18.37 14.26 -8.60
CA CYS A 307 17.18 15.01 -8.99
C CYS A 307 16.22 15.07 -7.82
N PRO A 308 15.28 16.01 -7.85
CA PRO A 308 14.26 16.05 -6.80
C PRO A 308 13.38 14.81 -6.84
N VAL A 309 13.17 14.19 -5.68
CA VAL A 309 12.37 12.98 -5.54
C VAL A 309 11.49 13.13 -4.32
N LEU A 310 10.18 13.13 -4.53
CA LEU A 310 9.21 13.11 -3.45
C LEU A 310 8.62 11.71 -3.36
N ALA A 311 8.20 11.32 -2.15
CA ALA A 311 7.77 9.95 -1.96
C ALA A 311 6.89 9.83 -0.73
N VAL A 312 5.85 9.00 -0.82
CA VAL A 312 4.95 8.71 0.29
C VAL A 312 5.13 7.26 0.71
N ALA A 313 5.17 7.04 2.02
CA ALA A 313 5.26 5.71 2.60
C ALA A 313 4.35 5.62 3.80
N GLN A 314 3.90 4.40 4.10
CA GLN A 314 2.98 4.19 5.20
C GLN A 314 3.65 4.49 6.54
N ARG A 315 2.84 4.95 7.49
CA ARG A 315 3.27 5.03 8.90
C ARG A 315 3.06 3.63 9.49
N HIS A 316 4.04 2.76 9.21
CA HIS A 316 3.87 1.33 9.46
C HIS A 316 3.54 1.04 10.92
N ARG A 317 4.14 1.80 11.84
CA ARG A 317 3.98 1.53 13.25
C ARG A 317 2.67 2.11 13.80
N ASP A 318 2.19 3.21 13.21
CA ASP A 318 0.86 3.71 13.54
C ASP A 318 -0.22 2.73 13.09
N VAL A 319 -0.03 2.13 11.91
CA VAL A 319 -1.01 1.17 11.38
C VAL A 319 -1.06 -0.07 12.27
N ALA A 320 0.13 -0.58 12.64
CA ALA A 320 0.18 -1.74 13.52
C ALA A 320 -0.44 -1.45 14.87
N GLU A 321 -0.21 -0.25 15.41
CA GLU A 321 -0.84 0.13 16.67
C GLU A 321 -2.35 0.11 16.56
N ARG A 322 -2.89 0.77 15.53
CA ARG A 322 -4.34 0.86 15.38
C ARG A 322 -4.97 -0.51 15.20
N VAL A 323 -4.35 -1.36 14.39
CA VAL A 323 -4.87 -2.71 14.17
C VAL A 323 -4.97 -3.46 15.49
N LEU A 324 -3.92 -3.39 16.30
CA LEU A 324 -3.90 -4.14 17.55
C LEU A 324 -4.88 -3.55 18.57
N GLU A 325 -5.01 -2.22 18.60
CA GLU A 325 -6.05 -1.59 19.41
C GLU A 325 -7.41 -2.19 19.10
N ILE A 326 -7.72 -2.33 17.81
CA ILE A 326 -9.02 -2.83 17.38
C ILE A 326 -9.18 -4.29 17.79
N VAL A 327 -8.13 -5.09 17.59
CA VAL A 327 -8.17 -6.50 17.96
C VAL A 327 -8.40 -6.66 19.45
N LEU A 328 -7.59 -5.97 20.26
CA LEU A 328 -7.72 -6.09 21.71
C LEU A 328 -9.04 -5.53 22.21
N ALA A 329 -9.55 -4.48 21.56
CA ALA A 329 -10.84 -3.93 21.98
C ALA A 329 -11.98 -4.89 21.64
N SER A 330 -11.86 -5.60 20.52
CA SER A 330 -12.86 -6.59 20.14
C SER A 330 -12.86 -7.79 21.09
N LEU A 331 -11.75 -8.04 21.78
CA LEU A 331 -11.60 -9.24 22.59
C LEU A 331 -11.97 -9.03 24.05
N ASP A 332 -11.61 -7.88 24.62
CA ASP A 332 -11.68 -7.68 26.06
C ASP A 332 -12.70 -6.64 26.51
N GLU A 333 -13.29 -5.87 25.60
CA GLU A 333 -14.06 -4.73 26.05
C GLU A 333 -15.53 -4.87 25.65
N PRO A 334 -16.45 -4.34 26.47
CA PRO A 334 -17.88 -4.66 26.28
C PRO A 334 -18.46 -4.17 24.96
N ARG A 335 -18.31 -2.88 24.65
CA ARG A 335 -18.79 -2.35 23.39
C ARG A 335 -17.70 -2.55 22.34
N LYS A 336 -17.95 -3.46 21.40
CA LYS A 336 -16.98 -3.79 20.37
C LYS A 336 -16.71 -2.55 19.50
N PRO A 337 -15.57 -2.52 18.81
CA PRO A 337 -15.34 -1.46 17.84
C PRO A 337 -16.38 -1.53 16.72
N LYS A 338 -16.70 -0.37 16.16
CA LYS A 338 -17.69 -0.37 15.11
C LYS A 338 -17.07 -0.81 13.79
N PRO A 339 -17.82 -1.54 12.97
CA PRO A 339 -17.29 -1.96 11.66
C PRO A 339 -17.12 -0.78 10.73
N GLY A 340 -16.30 -0.99 9.71
CA GLY A 340 -16.06 0.01 8.70
C GLY A 340 -14.58 0.28 8.51
N LEU A 341 -14.30 1.27 7.66
CA LEU A 341 -12.93 1.61 7.30
C LEU A 341 -12.39 2.68 8.24
N THR A 342 -11.17 2.48 8.71
CA THR A 342 -10.37 3.53 9.33
C THR A 342 -9.11 3.70 8.49
N ARG A 343 -8.95 4.88 7.92
CA ARG A 343 -7.85 5.16 7.01
C ARG A 343 -6.72 5.86 7.75
N ILE A 344 -5.49 5.56 7.35
CA ILE A 344 -4.30 6.17 7.91
C ILE A 344 -3.49 6.76 6.76
N LYS A 345 -3.22 8.06 6.83
CA LYS A 345 -2.47 8.73 5.78
C LYS A 345 -1.05 8.22 5.70
N ARG A 346 -0.44 8.41 4.54
CA ARG A 346 0.98 8.20 4.35
C ARG A 346 1.74 9.46 4.74
N ASN A 347 3.04 9.29 4.98
CA ASN A 347 3.95 10.41 5.19
C ASN A 347 4.65 10.74 3.89
N LEU A 348 4.75 12.02 3.57
CA LEU A 348 5.48 12.48 2.40
C LEU A 348 6.93 12.73 2.81
N TYR A 349 7.86 12.06 2.14
CA TYR A 349 9.28 12.18 2.45
C TYR A 349 10.00 12.83 1.28
N ARG A 350 10.92 13.73 1.59
CA ARG A 350 11.64 14.50 0.58
C ARG A 350 13.01 13.88 0.40
N ARG A 351 13.17 13.11 -0.67
CA ARG A 351 14.41 12.44 -1.00
C ARG A 351 15.17 13.26 -2.04
N GLY A 352 16.21 12.68 -2.62
CA GLY A 352 17.02 13.40 -3.59
C GLY A 352 17.70 14.62 -3.01
N VAL A 353 17.94 15.63 -3.84
CA VAL A 353 18.57 16.89 -3.42
C VAL A 353 17.68 17.57 -2.38
N LEU A 354 16.40 17.21 -2.33
CA LEU A 354 15.49 17.80 -1.35
C LEU A 354 15.97 17.56 0.08
N SER A 355 16.62 16.43 0.36
CA SER A 355 16.97 16.06 1.73
C SER A 355 17.97 17.02 2.38
N ARG A 356 18.50 17.99 1.64
CA ARG A 356 19.58 18.82 2.13
C ARG A 356 19.05 20.17 2.64
C1 EDO B . -13.83 -7.06 13.74
O1 EDO B . -13.50 -6.55 12.45
C2 EDO B . -15.18 -7.76 13.70
O2 EDO B . -15.00 -9.16 13.49
C1 EDO C . -5.56 16.98 -14.28
O1 EDO C . -4.86 17.42 -15.44
C2 EDO C . -7.06 17.09 -14.49
O2 EDO C . -7.52 16.02 -15.32
P PO4 D . 3.86 0.98 0.33
O1 PO4 D . 4.38 1.76 1.52
O2 PO4 D . 2.91 -0.09 0.80
O3 PO4 D . 5.01 0.34 -0.40
O4 PO4 D . 3.13 1.91 -0.60
MG MG E . 3.76 14.26 6.05
#